data_4QTD
#
_entry.id   4QTD
#
_cell.length_a   50.950
_cell.length_b   71.550
_cell.length_c   108.170
_cell.angle_alpha   90.00
_cell.angle_beta   90.00
_cell.angle_gamma   90.00
#
_symmetry.space_group_name_H-M   'P 21 21 21'
#
loop_
_entity.id
_entity.type
_entity.pdbx_description
1 polymer 'Mitogen-activated protein kinase 8'
2 non-polymer 1,2-ETHANEDIOL
3 non-polymer '4-(2-HYDROXYETHYL)-1-PIPERAZINE ETHANESULFONIC ACID'
4 non-polymer (3R)-1-(2-oxo-2-{4-[4-(pyrimidin-2-yl)phenyl]piperazin-1-yl}ethyl)-N-[3-(pyridin-4-yl)-2H-indazol-5-yl]pyrrolidine-3-carboxamide
5 non-polymer 'PHOSPHOAMINOPHOSPHONIC ACID-ADENYLATE ESTER'
6 non-polymer 'MAGNESIUM ION'
7 water water
#
_entity_poly.entity_id   1
_entity_poly.type   'polypeptide(L)'
_entity_poly.pdbx_seq_one_letter_code
;SMSRSKRDNNFYSVEIGDSTFTVLKRYQNLKPIGSGAQGIVCAAYDAILERNVAIKKLSRPFQNQTHAKRAYRELVLMKC
VNHKNIIGLLNVFTPQKSLEEFQDVYIVMELMDANLCQVIQMELDHERMSYLLYQMLCGIKHLHSAGIIHRDLKPSNIVV
KSDCTLKILDFGLARTAGTSFMMTPYVVTRYYRAPEVILGMGYKENVDLWSVGCIMGEMVCHKILFPGRDYIDQWNKVIE
QLGTPCPEFMKKLQPTVRTYVENRPKYAGYSFEKLFPDVLFPADSEHNKLKASQARDLLSKMLVIDASKRISVDEALQHP
YINVWYDPSEAEAPPPKIPDKQLDEREHTIEEWKELIYKEVMDL
;
_entity_poly.pdbx_strand_id   A
#
loop_
_chem_comp.id
_chem_comp.type
_chem_comp.name
_chem_comp.formula
38Z non-polymer (3R)-1-(2-oxo-2-{4-[4-(pyrimidin-2-yl)phenyl]piperazin-1-yl}ethyl)-N-[3-(pyridin-4-yl)-2H-indazol-5-yl]pyrrolidine-3-carboxamide 'C33 H33 N9 O2'
ANP non-polymer 'PHOSPHOAMINOPHOSPHONIC ACID-ADENYLATE ESTER' 'C10 H17 N6 O12 P3'
EDO non-polymer 1,2-ETHANEDIOL 'C2 H6 O2'
EPE non-polymer '4-(2-HYDROXYETHYL)-1-PIPERAZINE ETHANESULFONIC ACID' 'C8 H18 N2 O4 S'
MG non-polymer 'MAGNESIUM ION' 'Mg 2'
#
# COMPACT_ATOMS: atom_id res chain seq x y z
N ARG A 7 -35.53 3.98 -7.54
CA ARG A 7 -34.50 3.96 -8.64
C ARG A 7 -33.54 5.18 -8.56
N ASP A 8 -33.83 6.28 -9.26
CA ASP A 8 -33.19 7.59 -8.99
C ASP A 8 -33.65 8.14 -7.64
N ASN A 9 -34.89 7.79 -7.27
CA ASN A 9 -35.47 8.09 -5.96
C ASN A 9 -34.84 7.23 -4.84
N ASN A 10 -34.12 6.20 -5.21
CA ASN A 10 -33.40 5.38 -4.23
C ASN A 10 -32.02 5.94 -3.97
N PHE A 11 -31.73 7.15 -4.44
CA PHE A 11 -30.52 7.88 -4.01
C PHE A 11 -30.86 9.08 -3.14
N TYR A 12 -29.92 9.53 -2.30
CA TYR A 12 -30.02 10.85 -1.65
C TYR A 12 -28.64 11.48 -1.63
N SER A 13 -28.61 12.77 -1.34
CA SER A 13 -27.37 13.52 -1.35
C SER A 13 -27.11 14.21 -0.03
N VAL A 14 -25.83 14.19 0.38
CA VAL A 14 -25.37 14.96 1.54
C VAL A 14 -24.04 15.63 1.25
N GLU A 15 -23.83 16.80 1.84
CA GLU A 15 -22.60 17.49 1.72
C GLU A 15 -21.58 16.92 2.66
N ILE A 16 -20.43 16.57 2.12
CA ILE A 16 -19.31 16.08 2.89
C ILE A 16 -18.13 16.99 2.60
N GLY A 17 -17.86 17.90 3.53
CA GLY A 17 -16.92 19.01 3.27
C GLY A 17 -17.36 19.78 2.04
N ASP A 18 -16.43 19.92 1.08
CA ASP A 18 -16.69 20.63 -0.18
C ASP A 18 -17.25 19.73 -1.28
N SER A 19 -17.56 18.46 -0.95
CA SER A 19 -18.07 17.50 -1.92
CA SER A 19 -18.07 17.53 -1.93
C SER A 19 -19.52 17.15 -1.65
N THR A 20 -20.23 16.73 -2.69
CA THR A 20 -21.55 16.12 -2.52
C THR A 20 -21.44 14.62 -2.73
N PHE A 21 -21.85 13.85 -1.70
CA PHE A 21 -21.98 12.38 -1.86
C PHE A 21 -23.44 12.09 -2.17
N THR A 22 -23.67 11.45 -3.32
CA THR A 22 -24.97 10.98 -3.72
C THR A 22 -24.94 9.47 -3.68
N VAL A 23 -25.63 8.90 -2.68
CA VAL A 23 -25.48 7.50 -2.38
C VAL A 23 -26.83 6.76 -2.31
N LEU A 24 -26.78 5.47 -2.52
CA LEU A 24 -27.97 4.60 -2.30
C LEU A 24 -28.53 4.80 -0.88
N LYS A 25 -29.86 4.81 -0.77
CA LYS A 25 -30.47 5.04 0.53
C LYS A 25 -30.15 3.98 1.57
N ARG A 26 -29.71 2.80 1.17
CA ARG A 26 -29.24 1.84 2.19
C ARG A 26 -28.07 2.35 3.06
N TYR A 27 -27.29 3.28 2.55
CA TYR A 27 -26.10 3.79 3.25
C TYR A 27 -26.45 5.06 3.99
N GLN A 28 -26.33 5.01 5.31
CA GLN A 28 -26.78 6.07 6.18
CA GLN A 28 -26.78 6.09 6.17
C GLN A 28 -25.71 6.61 7.09
N ASN A 29 -25.91 7.81 7.62
CA ASN A 29 -25.05 8.34 8.69
C ASN A 29 -23.60 8.49 8.21
N LEU A 30 -23.43 9.05 7.02
CA LEU A 30 -22.06 9.19 6.47
C LEU A 30 -21.22 10.13 7.30
N LYS A 31 -19.93 9.81 7.45
CA LYS A 31 -18.99 10.64 8.18
C LYS A 31 -17.65 10.50 7.47
N PRO A 32 -16.95 11.62 7.18
CA PRO A 32 -15.65 11.52 6.49
C PRO A 32 -14.59 10.86 7.37
N ILE A 33 -13.82 9.94 6.78
CA ILE A 33 -12.72 9.30 7.53
C ILE A 33 -11.37 9.46 6.85
N GLY A 34 -11.33 9.91 5.60
CA GLY A 34 -10.05 10.15 4.93
C GLY A 34 -10.26 10.74 3.57
N SER A 35 -9.22 11.38 3.05
CA SER A 35 -9.27 11.87 1.72
C SER A 35 -7.89 11.91 1.18
N GLY A 36 -7.81 11.90 -0.13
CA GLY A 36 -6.51 11.86 -0.80
C GLY A 36 -6.74 12.25 -2.23
N ALA A 37 -5.68 12.17 -3.02
CA ALA A 37 -5.71 12.50 -4.43
C ALA A 37 -6.83 11.82 -5.16
N GLN A 38 -7.17 10.61 -4.74
CA GLN A 38 -8.14 9.81 -5.46
C GLN A 38 -9.59 10.08 -5.07
N GLY A 39 -9.81 10.66 -3.90
CA GLY A 39 -11.17 11.02 -3.48
C GLY A 39 -11.36 10.94 -1.98
N ILE A 40 -12.57 11.23 -1.55
CA ILE A 40 -12.95 11.25 -0.14
C ILE A 40 -13.52 9.89 0.19
N VAL A 41 -13.25 9.42 1.40
CA VAL A 41 -13.79 8.15 1.90
C VAL A 41 -14.62 8.48 3.16
N CYS A 42 -15.83 7.94 3.21
CA CYS A 42 -16.71 8.08 4.40
C CYS A 42 -16.98 6.75 5.01
N ALA A 43 -17.18 6.75 6.33
CA ALA A 43 -17.81 5.66 6.99
C ALA A 43 -19.33 5.82 6.84
N ALA A 44 -20.04 4.71 6.82
CA ALA A 44 -21.52 4.73 6.69
C ALA A 44 -22.08 3.48 7.33
N TYR A 45 -23.37 3.54 7.70
CA TYR A 45 -24.10 2.36 8.14
C TYR A 45 -24.87 1.80 6.95
N ASP A 46 -24.71 0.51 6.66
CA ASP A 46 -25.49 -0.15 5.63
C ASP A 46 -26.66 -0.76 6.34
N ALA A 47 -27.85 -0.17 6.10
CA ALA A 47 -29.07 -0.60 6.82
C ALA A 47 -29.56 -1.97 6.37
N ILE A 48 -29.11 -2.45 5.22
CA ILE A 48 -29.48 -3.79 4.78
C ILE A 48 -28.61 -4.89 5.40
N LEU A 49 -27.30 -4.73 5.29
CA LEU A 49 -26.35 -5.64 5.93
C LEU A 49 -26.31 -5.54 7.44
N GLU A 50 -26.80 -4.42 7.97
CA GLU A 50 -26.74 -4.10 9.38
C GLU A 50 -25.30 -4.06 9.84
N ARG A 51 -24.45 -3.45 9.03
CA ARG A 51 -23.13 -3.14 9.53
CA ARG A 51 -23.06 -3.25 9.40
C ARG A 51 -22.55 -1.93 8.86
N ASN A 52 -21.48 -1.42 9.45
CA ASN A 52 -20.88 -0.20 8.96
C ASN A 52 -19.90 -0.58 7.84
N VAL A 53 -19.78 0.32 6.89
CA VAL A 53 -18.98 0.16 5.68
C VAL A 53 -18.20 1.44 5.39
N ALA A 54 -17.24 1.34 4.49
CA ALA A 54 -16.54 2.52 3.96
C ALA A 54 -16.94 2.79 2.52
N ILE A 55 -17.19 4.05 2.17
CA ILE A 55 -17.58 4.41 0.81
C ILE A 55 -16.61 5.44 0.28
N LYS A 56 -15.98 5.12 -0.84
CA LYS A 56 -15.07 6.05 -1.53
C LYS A 56 -15.77 6.60 -2.75
N LYS A 57 -15.71 7.91 -2.91
CA LYS A 57 -16.22 8.56 -4.12
C LYS A 57 -15.08 8.84 -5.07
N LEU A 58 -15.17 8.29 -6.29
CA LEU A 58 -14.25 8.64 -7.34
C LEU A 58 -15.00 9.65 -8.25
N SER A 59 -14.51 10.89 -8.26
CA SER A 59 -15.13 11.95 -9.07
CA SER A 59 -15.10 11.99 -9.06
C SER A 59 -14.50 11.99 -10.47
N ARG A 60 -15.30 11.71 -11.49
CA ARG A 60 -14.82 11.69 -12.89
C ARG A 60 -13.45 11.01 -13.02
N PRO A 61 -13.39 9.74 -12.61
CA PRO A 61 -12.07 9.04 -12.62
C PRO A 61 -11.42 8.95 -14.00
N PHE A 62 -12.20 9.12 -15.06
CA PHE A 62 -11.73 9.08 -16.47
C PHE A 62 -11.15 10.42 -16.88
N GLN A 63 -11.06 11.38 -15.97
CA GLN A 63 -10.62 12.75 -16.34
C GLN A 63 -9.20 12.87 -16.84
N ASN A 64 -8.30 11.96 -16.44
CA ASN A 64 -6.99 11.86 -17.04
C ASN A 64 -6.49 10.41 -16.90
N GLN A 65 -5.44 10.11 -17.63
CA GLN A 65 -4.97 8.72 -17.70
C GLN A 65 -4.48 8.16 -16.38
N THR A 66 -3.85 8.97 -15.56
CA THR A 66 -3.37 8.44 -14.28
C THR A 66 -4.54 8.01 -13.37
N HIS A 67 -5.53 8.90 -13.20
CA HIS A 67 -6.69 8.56 -12.43
C HIS A 67 -7.41 7.41 -13.05
N ALA A 68 -7.53 7.40 -14.37
CA ALA A 68 -8.34 6.43 -15.06
C ALA A 68 -7.76 5.02 -14.94
N LYS A 69 -6.48 4.90 -15.19
CA LYS A 69 -5.84 3.59 -15.09
C LYS A 69 -5.98 3.03 -13.68
N ARG A 70 -5.75 3.87 -12.69
CA ARG A 70 -5.85 3.43 -11.31
C ARG A 70 -7.26 3.05 -10.96
N ALA A 71 -8.27 3.83 -11.36
CA ALA A 71 -9.61 3.47 -11.01
C ALA A 71 -10.05 2.17 -11.68
N TYR A 72 -9.71 2.02 -12.94
CA TYR A 72 -10.11 0.86 -13.68
C TYR A 72 -9.42 -0.39 -13.10
N ARG A 73 -8.14 -0.31 -12.90
CA ARG A 73 -7.43 -1.48 -12.37
C ARG A 73 -7.86 -1.83 -10.97
N GLU A 74 -8.13 -0.83 -10.16
CA GLU A 74 -8.60 -1.14 -8.80
C GLU A 74 -9.98 -1.79 -8.82
N LEU A 75 -10.87 -1.38 -9.72
CA LEU A 75 -12.19 -2.02 -9.82
C LEU A 75 -12.03 -3.47 -10.22
N VAL A 76 -11.21 -3.70 -11.23
CA VAL A 76 -11.08 -5.05 -11.76
C VAL A 76 -10.42 -5.95 -10.68
N LEU A 77 -9.40 -5.46 -10.02
CA LEU A 77 -8.66 -6.25 -9.02
C LEU A 77 -9.48 -6.48 -7.79
N MET A 78 -10.21 -5.47 -7.33
CA MET A 78 -11.01 -5.69 -6.13
CA MET A 78 -11.07 -5.63 -6.16
C MET A 78 -12.05 -6.73 -6.37
N LYS A 79 -12.57 -6.79 -7.58
CA LYS A 79 -13.54 -7.81 -7.97
C LYS A 79 -12.95 -9.21 -8.05
N CYS A 80 -11.73 -9.37 -8.52
CA CYS A 80 -11.23 -10.74 -8.71
CA CYS A 80 -11.14 -10.70 -8.74
C CYS A 80 -10.42 -11.24 -7.52
N VAL A 81 -10.04 -10.37 -6.63
CA VAL A 81 -9.28 -10.79 -5.46
C VAL A 81 -10.25 -11.02 -4.29
N ASN A 82 -9.99 -12.11 -3.57
CA ASN A 82 -10.71 -12.39 -2.34
C ASN A 82 -9.76 -12.96 -1.34
N HIS A 83 -9.13 -12.06 -0.58
CA HIS A 83 -8.14 -12.45 0.39
C HIS A 83 -8.28 -11.57 1.61
N LYS A 84 -8.17 -12.19 2.81
CA LYS A 84 -8.45 -11.45 4.01
C LYS A 84 -7.52 -10.26 4.30
N ASN A 85 -6.34 -10.19 3.66
CA ASN A 85 -5.43 -9.10 3.86
C ASN A 85 -5.40 -8.07 2.72
N ILE A 86 -6.42 -8.11 1.88
CA ILE A 86 -6.59 -7.14 0.79
C ILE A 86 -8.03 -6.60 0.97
N ILE A 87 -8.19 -5.28 0.92
CA ILE A 87 -9.52 -4.70 1.11
C ILE A 87 -10.49 -5.25 0.08
N GLY A 88 -11.69 -5.55 0.55
CA GLY A 88 -12.61 -6.26 -0.27
C GLY A 88 -13.72 -5.33 -0.75
N LEU A 89 -14.30 -5.70 -1.87
CA LEU A 89 -15.39 -4.96 -2.46
C LEU A 89 -16.74 -5.47 -1.98
N LEU A 90 -17.55 -4.59 -1.42
CA LEU A 90 -18.89 -4.97 -1.03
C LEU A 90 -19.91 -4.53 -2.05
N ASN A 91 -19.68 -3.39 -2.69
CA ASN A 91 -20.67 -2.82 -3.66
C ASN A 91 -20.00 -1.77 -4.48
N VAL A 92 -20.55 -1.47 -5.65
CA VAL A 92 -20.11 -0.38 -6.49
C VAL A 92 -21.33 0.16 -7.17
N PHE A 93 -21.41 1.48 -7.26
CA PHE A 93 -22.58 2.09 -7.92
C PHE A 93 -22.21 3.41 -8.50
N THR A 94 -23.03 3.84 -9.47
CA THR A 94 -23.01 5.22 -9.91
C THR A 94 -24.44 5.78 -9.82
N PRO A 95 -24.59 7.02 -9.37
CA PRO A 95 -25.96 7.59 -9.36
C PRO A 95 -26.46 8.03 -10.71
N GLN A 96 -25.58 8.12 -11.70
CA GLN A 96 -25.98 8.54 -13.04
C GLN A 96 -26.58 7.34 -13.78
N LYS A 97 -27.56 7.61 -14.66
CA LYS A 97 -28.48 6.54 -15.15
C LYS A 97 -28.13 6.07 -16.56
N SER A 98 -27.06 6.63 -17.12
CA SER A 98 -26.65 6.32 -18.48
C SER A 98 -25.17 6.57 -18.70
N LEU A 99 -24.60 5.89 -19.72
CA LEU A 99 -23.23 6.17 -20.13
C LEU A 99 -23.08 7.64 -20.45
N GLU A 100 -24.07 8.21 -21.09
CA GLU A 100 -24.00 9.61 -21.45
CA GLU A 100 -23.95 9.59 -21.46
C GLU A 100 -23.84 10.53 -20.24
N GLU A 101 -24.61 10.26 -19.18
CA GLU A 101 -24.64 11.14 -18.00
C GLU A 101 -23.54 10.79 -16.94
N PHE A 102 -22.80 9.72 -17.18
CA PHE A 102 -21.88 9.15 -16.16
C PHE A 102 -20.82 10.13 -15.70
N GLN A 103 -20.69 10.25 -14.37
CA GLN A 103 -19.67 11.08 -13.81
C GLN A 103 -18.86 10.38 -12.71
N ASP A 104 -19.56 9.80 -11.74
CA ASP A 104 -18.91 9.36 -10.48
C ASP A 104 -19.10 7.89 -10.22
N VAL A 105 -18.11 7.34 -9.56
CA VAL A 105 -18.13 5.96 -9.11
C VAL A 105 -18.01 5.94 -7.59
N TYR A 106 -18.82 5.11 -6.95
CA TYR A 106 -18.75 4.89 -5.50
C TYR A 106 -18.40 3.48 -5.23
N ILE A 107 -17.33 3.27 -4.48
CA ILE A 107 -16.80 1.94 -4.10
C ILE A 107 -17.06 1.72 -2.62
N VAL A 108 -17.78 0.64 -2.32
CA VAL A 108 -18.17 0.28 -0.95
C VAL A 108 -17.33 -0.90 -0.51
N MET A 109 -16.67 -0.73 0.66
CA MET A 109 -15.69 -1.65 1.22
C MET A 109 -15.96 -1.91 2.66
N GLU A 110 -15.29 -2.95 3.20
CA GLU A 110 -15.24 -3.21 4.60
C GLU A 110 -14.74 -1.98 5.35
N LEU A 111 -15.33 -1.69 6.49
CA LEU A 111 -14.86 -0.59 7.38
C LEU A 111 -13.93 -1.19 8.42
N MET A 112 -12.74 -0.65 8.47
CA MET A 112 -11.75 -1.03 9.50
C MET A 112 -11.79 -0.04 10.67
N ASP A 113 -10.88 -0.13 11.62
CA ASP A 113 -10.94 0.74 12.81
C ASP A 113 -9.92 1.87 12.81
N ALA A 114 -8.79 1.67 12.11
CA ALA A 114 -7.72 2.66 12.10
C ALA A 114 -6.84 2.47 10.90
N ASN A 115 -6.11 3.52 10.62
CA ASN A 115 -5.08 3.53 9.67
C ASN A 115 -3.74 3.10 10.28
N LEU A 116 -2.86 2.46 9.54
CA LEU A 116 -1.58 2.04 10.14
C LEU A 116 -0.73 3.22 10.65
N CYS A 117 -0.93 4.42 10.10
CA CYS A 117 -0.24 5.60 10.62
C CYS A 117 -0.59 5.84 12.09
N GLN A 118 -1.82 5.50 12.51
CA GLN A 118 -2.16 5.64 13.92
CA GLN A 118 -2.21 5.59 13.91
C GLN A 118 -1.49 4.56 14.74
N VAL A 119 -1.42 3.33 14.22
CA VAL A 119 -0.75 2.22 14.93
C VAL A 119 0.72 2.53 15.16
N ILE A 120 1.36 3.18 14.20
CA ILE A 120 2.79 3.56 14.31
C ILE A 120 3.08 4.49 15.49
N GLN A 121 2.06 5.17 15.97
CA GLN A 121 2.24 6.08 17.11
C GLN A 121 2.09 5.33 18.44
N MET A 122 1.93 4.02 18.39
CA MET A 122 1.76 3.19 19.60
C MET A 122 2.86 2.18 19.73
N GLU A 123 3.25 1.88 20.97
CA GLU A 123 4.17 0.76 21.21
C GLU A 123 3.42 -0.52 20.96
N LEU A 124 4.07 -1.44 20.28
CA LEU A 124 3.48 -2.76 20.03
C LEU A 124 4.31 -3.85 20.65
N ASP A 125 3.63 -4.83 21.24
CA ASP A 125 4.28 -6.04 21.69
CA ASP A 125 4.36 -6.00 21.67
C ASP A 125 4.71 -6.89 20.50
N HIS A 126 5.57 -7.86 20.74
CA HIS A 126 6.08 -8.68 19.63
C HIS A 126 4.98 -9.49 18.95
N GLU A 127 4.00 -9.93 19.74
CA GLU A 127 2.93 -10.72 19.16
C GLU A 127 2.10 -9.90 18.15
N ARG A 128 1.75 -8.68 18.51
CA ARG A 128 0.99 -7.82 17.61
C ARG A 128 1.84 -7.35 16.43
N MET A 129 3.09 -6.95 16.70
CA MET A 129 3.94 -6.46 15.65
CA MET A 129 3.99 -6.47 15.66
C MET A 129 4.17 -7.57 14.61
N SER A 130 4.54 -8.77 15.07
CA SER A 130 4.79 -9.85 14.16
C SER A 130 3.53 -10.26 13.39
N TYR A 131 2.37 -10.22 14.03
CA TYR A 131 1.16 -10.60 13.34
C TYR A 131 0.80 -9.59 12.27
N LEU A 132 0.95 -8.29 12.55
CA LEU A 132 0.71 -7.29 11.53
C LEU A 132 1.63 -7.47 10.33
N LEU A 133 2.90 -7.71 10.59
CA LEU A 133 3.87 -7.92 9.51
C LEU A 133 3.56 -9.18 8.71
N TYR A 134 3.23 -10.27 9.42
CA TYR A 134 2.78 -11.49 8.78
C TYR A 134 1.65 -11.25 7.78
N GLN A 135 0.65 -10.49 8.21
CA GLN A 135 -0.46 -10.18 7.33
C GLN A 135 -0.09 -9.34 6.13
N MET A 136 0.77 -8.33 6.34
CA MET A 136 1.30 -7.53 5.20
C MET A 136 1.92 -8.48 4.18
N LEU A 137 2.76 -9.38 4.69
CA LEU A 137 3.48 -10.31 3.82
C LEU A 137 2.53 -11.24 3.09
N CYS A 138 1.50 -11.75 3.75
CA CYS A 138 0.49 -12.57 3.06
C CYS A 138 -0.20 -11.79 1.94
N GLY A 139 -0.59 -10.55 2.22
CA GLY A 139 -1.23 -9.73 1.17
C GLY A 139 -0.32 -9.54 -0.01
N ILE A 140 0.93 -9.21 0.26
CA ILE A 140 1.91 -8.94 -0.81
CA ILE A 140 1.92 -8.95 -0.79
C ILE A 140 2.13 -10.23 -1.61
N LYS A 141 2.33 -11.35 -0.92
CA LYS A 141 2.56 -12.61 -1.62
C LYS A 141 1.37 -12.92 -2.54
N HIS A 142 0.16 -12.70 -2.04
CA HIS A 142 -1.04 -12.97 -2.84
C HIS A 142 -1.07 -12.15 -4.11
N LEU A 143 -0.75 -10.84 -4.01
CA LEU A 143 -0.59 -9.99 -5.23
C LEU A 143 0.48 -10.53 -6.14
N HIS A 144 1.64 -10.87 -5.59
CA HIS A 144 2.74 -11.40 -6.40
C HIS A 144 2.31 -12.66 -7.16
N SER A 145 1.46 -13.49 -6.54
CA SER A 145 1.05 -14.76 -7.17
C SER A 145 0.23 -14.50 -8.43
N ALA A 146 -0.36 -13.32 -8.58
CA ALA A 146 -1.08 -12.95 -9.80
C ALA A 146 -0.28 -12.07 -10.75
N GLY A 147 0.99 -11.90 -10.48
CA GLY A 147 1.83 -11.03 -11.28
C GLY A 147 1.71 -9.58 -10.96
N ILE A 148 1.20 -9.24 -9.78
CA ILE A 148 1.08 -7.90 -9.36
C ILE A 148 2.20 -7.61 -8.34
N ILE A 149 3.06 -6.67 -8.72
CA ILE A 149 4.11 -6.16 -7.82
C ILE A 149 3.70 -4.76 -7.45
N HIS A 150 3.61 -4.49 -6.16
CA HIS A 150 2.91 -3.29 -5.70
C HIS A 150 3.75 -2.01 -5.95
N ARG A 151 4.96 -1.99 -5.44
CA ARG A 151 5.92 -0.91 -5.58
C ARG A 151 5.63 0.35 -4.78
N ASP A 152 4.44 0.50 -4.25
CA ASP A 152 4.11 1.70 -3.47
C ASP A 152 3.37 1.41 -2.17
N LEU A 153 3.79 0.38 -1.46
CA LEU A 153 3.19 0.10 -0.18
CA LEU A 153 3.17 0.11 -0.14
C LEU A 153 3.56 1.18 0.84
N LYS A 154 2.61 1.64 1.62
CA LYS A 154 2.88 2.69 2.60
C LYS A 154 1.85 2.64 3.71
N PRO A 155 2.18 3.14 4.88
CA PRO A 155 1.27 2.97 6.00
C PRO A 155 -0.08 3.60 5.79
N SER A 156 -0.14 4.73 5.10
CA SER A 156 -1.42 5.41 4.94
C SER A 156 -2.39 4.59 4.17
N ASN A 157 -1.91 3.62 3.40
CA ASN A 157 -2.82 2.83 2.63
CA ASN A 157 -2.77 2.75 2.61
C ASN A 157 -2.91 1.36 3.18
N ILE A 158 -2.73 1.23 4.49
CA ILE A 158 -2.92 0.00 5.19
C ILE A 158 -3.83 0.29 6.40
N VAL A 159 -4.84 -0.56 6.61
CA VAL A 159 -5.80 -0.34 7.68
C VAL A 159 -5.88 -1.57 8.56
N VAL A 160 -6.30 -1.34 9.79
CA VAL A 160 -6.32 -2.38 10.82
C VAL A 160 -7.61 -2.32 11.65
N LYS A 161 -7.96 -3.46 12.20
CA LYS A 161 -9.01 -3.55 13.21
C LYS A 161 -8.44 -3.70 14.57
N SER A 162 -9.31 -3.46 15.57
CA SER A 162 -8.94 -3.64 16.99
CA SER A 162 -8.90 -3.62 16.98
C SER A 162 -8.45 -5.04 17.33
N ASP A 163 -8.92 -6.04 16.58
CA ASP A 163 -8.47 -7.42 16.77
C ASP A 163 -7.13 -7.73 16.10
N CYS A 164 -6.48 -6.68 15.58
CA CYS A 164 -5.12 -6.80 14.96
C CYS A 164 -5.17 -7.39 13.55
N THR A 165 -6.35 -7.52 12.95
CA THR A 165 -6.45 -7.87 11.55
C THR A 165 -6.09 -6.65 10.66
N LEU A 166 -5.50 -6.94 9.50
CA LEU A 166 -4.91 -5.91 8.64
C LEU A 166 -5.29 -6.13 7.21
N LYS A 167 -5.55 -5.05 6.50
CA LYS A 167 -5.84 -5.12 5.08
C LYS A 167 -5.07 -4.03 4.34
N ILE A 168 -4.55 -4.38 3.18
CA ILE A 168 -3.93 -3.40 2.26
C ILE A 168 -5.01 -2.78 1.40
N LEU A 169 -4.98 -1.46 1.24
CA LEU A 169 -6.06 -0.75 0.54
C LEU A 169 -5.90 -0.59 -0.97
N ASP A 170 -4.69 -0.68 -1.53
CA ASP A 170 -4.46 -0.33 -2.93
CA ASP A 170 -4.60 -0.47 -2.96
C ASP A 170 -3.60 -1.38 -3.59
N PHE A 171 -3.46 -1.26 -4.89
CA PHE A 171 -2.78 -2.24 -5.68
C PHE A 171 -1.49 -1.75 -6.34
N GLY A 172 -1.03 -0.55 -6.01
CA GLY A 172 0.29 -0.14 -6.40
C GLY A 172 0.38 0.53 -7.76
N LEU A 173 1.59 0.47 -8.31
CA LEU A 173 1.98 1.34 -9.47
C LEU A 173 1.84 0.67 -10.83
N ALA A 174 1.39 -0.57 -10.87
CA ALA A 174 1.29 -1.32 -12.16
C ALA A 174 2.65 -1.30 -12.93
N ARG A 175 2.63 -0.99 -14.23
CA ARG A 175 3.88 -0.87 -14.99
C ARG A 175 4.12 0.57 -15.45
N THR A 176 3.81 1.54 -14.59
CA THR A 176 3.99 2.95 -14.92
C THR A 176 4.66 3.68 -13.77
N SER A 180 4.23 10.37 -12.07
CA SER A 180 2.97 10.58 -12.79
C SER A 180 2.40 11.98 -12.52
N PHE A 181 2.44 12.84 -13.54
CA PHE A 181 2.01 14.23 -13.40
C PHE A 181 0.51 14.41 -13.14
N MET A 182 0.20 15.13 -12.07
CA MET A 182 -1.15 15.67 -11.86
C MET A 182 -1.07 17.12 -11.43
N MET A 183 -1.96 17.93 -11.99
CA MET A 183 -2.35 19.19 -11.36
C MET A 183 -3.03 18.81 -10.06
N THR A 184 -2.39 19.12 -8.94
CA THR A 184 -2.97 18.73 -7.66
C THR A 184 -2.22 19.44 -6.54
N PRO A 185 -2.93 19.75 -5.42
CA PRO A 185 -2.28 20.13 -4.16
C PRO A 185 -1.86 18.88 -3.36
N TYR A 186 -2.32 17.71 -3.80
CA TYR A 186 -1.93 16.47 -3.16
C TYR A 186 -0.51 16.06 -3.52
N VAL A 187 0.18 15.50 -2.55
CA VAL A 187 1.58 15.15 -2.70
C VAL A 187 1.71 13.64 -2.56
N VAL A 188 2.52 13.04 -3.42
CA VAL A 188 2.72 11.59 -3.39
C VAL A 188 3.71 11.32 -2.30
N THR A 189 3.40 10.34 -1.45
CA THR A 189 4.35 9.94 -0.39
C THR A 189 5.36 8.96 -0.98
N ARG A 190 6.64 9.31 -0.95
CA ARG A 190 7.71 8.54 -1.58
C ARG A 190 8.66 7.83 -0.60
N TYR A 191 8.45 8.04 0.70
CA TYR A 191 9.39 7.63 1.75
C TYR A 191 9.66 6.11 1.82
N TYR A 192 8.75 5.30 1.27
CA TYR A 192 8.78 3.85 1.39
C TYR A 192 9.28 3.19 0.13
N ARG A 193 9.63 3.98 -0.88
CA ARG A 193 10.00 3.42 -2.16
C ARG A 193 11.45 2.90 -2.16
N ALA A 194 11.60 1.74 -2.78
CA ALA A 194 12.91 1.05 -2.79
C ALA A 194 13.99 1.79 -3.59
N PRO A 195 15.25 1.55 -3.28
CA PRO A 195 16.38 2.11 -4.01
C PRO A 195 16.26 1.91 -5.51
N GLU A 196 15.79 0.75 -5.95
CA GLU A 196 15.70 0.52 -7.39
C GLU A 196 14.56 1.37 -8.01
N VAL A 197 13.56 1.75 -7.22
CA VAL A 197 12.53 2.72 -7.68
C VAL A 197 13.08 4.15 -7.71
N ILE A 198 13.78 4.54 -6.64
CA ILE A 198 14.38 5.86 -6.46
C ILE A 198 15.35 6.13 -7.60
N LEU A 199 16.15 5.13 -7.99
CA LEU A 199 17.23 5.31 -8.94
C LEU A 199 16.82 4.95 -10.37
N GLY A 200 15.60 4.51 -10.55
CA GLY A 200 15.07 4.18 -11.88
C GLY A 200 15.70 2.93 -12.45
N MET A 201 16.03 1.96 -11.58
CA MET A 201 16.59 0.68 -12.02
C MET A 201 15.40 -0.22 -12.36
N GLY A 202 15.69 -1.41 -12.86
CA GLY A 202 14.65 -2.42 -12.94
C GLY A 202 14.29 -2.88 -11.54
N TYR A 203 13.23 -3.66 -11.43
CA TYR A 203 12.80 -4.25 -10.15
C TYR A 203 12.22 -5.64 -10.29
N LYS A 204 12.15 -6.33 -9.18
CA LYS A 204 11.52 -7.63 -9.09
C LYS A 204 10.60 -7.64 -7.85
N GLU A 205 10.08 -8.80 -7.52
CA GLU A 205 9.06 -8.95 -6.45
C GLU A 205 9.51 -8.35 -5.13
N ASN A 206 10.77 -8.53 -4.79
CA ASN A 206 11.24 -8.03 -3.51
C ASN A 206 11.46 -6.53 -3.37
N VAL A 207 11.11 -5.77 -4.39
CA VAL A 207 10.95 -4.34 -4.26
C VAL A 207 9.98 -4.03 -3.11
N ASP A 208 9.01 -4.90 -2.93
CA ASP A 208 8.00 -4.67 -1.91
C ASP A 208 8.52 -4.92 -0.52
N LEU A 209 9.59 -5.74 -0.40
CA LEU A 209 10.12 -6.04 0.93
C LEU A 209 10.87 -4.86 1.52
N TRP A 210 11.45 -4.02 0.65
CA TRP A 210 12.05 -2.76 1.14
C TRP A 210 10.98 -1.94 1.86
N SER A 211 9.82 -1.81 1.22
CA SER A 211 8.76 -1.01 1.82
C SER A 211 8.25 -1.59 3.12
N VAL A 212 8.13 -2.92 3.17
CA VAL A 212 7.79 -3.55 4.44
C VAL A 212 8.85 -3.23 5.50
N GLY A 213 10.12 -3.26 5.12
CA GLY A 213 11.17 -2.86 6.05
C GLY A 213 11.05 -1.48 6.59
N CYS A 214 10.72 -0.56 5.70
CA CYS A 214 10.53 0.83 6.12
C CYS A 214 9.39 0.99 7.08
N ILE A 215 8.31 0.25 6.81
CA ILE A 215 7.15 0.28 7.70
C ILE A 215 7.45 -0.36 9.03
N MET A 216 8.12 -1.52 9.02
CA MET A 216 8.51 -2.18 10.27
C MET A 216 9.40 -1.27 11.07
N GLY A 217 10.40 -0.68 10.43
CA GLY A 217 11.32 0.14 11.14
C GLY A 217 10.61 1.35 11.79
N GLU A 218 9.63 1.90 11.10
CA GLU A 218 8.84 3.01 11.64
C GLU A 218 7.92 2.55 12.79
N MET A 219 7.41 1.32 12.71
CA MET A 219 6.62 0.76 13.81
C MET A 219 7.45 0.62 15.06
N VAL A 220 8.75 0.33 14.89
CA VAL A 220 9.66 0.13 16.01
C VAL A 220 10.12 1.46 16.59
N CYS A 221 10.54 2.40 15.75
CA CYS A 221 11.13 3.64 16.26
C CYS A 221 10.15 4.81 16.29
N HIS A 222 8.97 4.62 15.73
CA HIS A 222 7.91 5.69 15.72
C HIS A 222 8.26 6.94 14.99
N LYS A 223 9.23 6.82 14.07
CA LYS A 223 9.68 7.91 13.18
C LYS A 223 9.77 7.35 11.75
N ILE A 224 9.48 8.17 10.73
CA ILE A 224 9.69 7.78 9.34
C ILE A 224 11.19 7.61 9.14
N LEU A 225 11.61 6.45 8.60
CA LEU A 225 13.04 6.22 8.46
C LEU A 225 13.70 7.14 7.49
N PHE A 226 13.10 7.36 6.33
CA PHE A 226 13.74 8.07 5.21
C PHE A 226 12.81 9.17 4.66
N PRO A 227 12.56 10.22 5.44
CA PRO A 227 11.60 11.25 5.07
C PRO A 227 12.15 12.25 4.04
N GLY A 228 12.54 11.78 2.85
CA GLY A 228 13.14 12.68 1.85
C GLY A 228 12.10 13.63 1.23
N ARG A 229 12.49 14.90 1.01
CA ARG A 229 11.60 15.89 0.33
C ARG A 229 11.51 15.68 -1.19
N ASP A 230 12.45 14.90 -1.73
CA ASP A 230 12.43 14.50 -3.13
C ASP A 230 13.40 13.30 -3.23
N TYR A 231 13.57 12.74 -4.42
CA TYR A 231 14.43 11.56 -4.54
C TYR A 231 15.90 11.80 -4.23
N ILE A 232 16.39 13.03 -4.41
CA ILE A 232 17.78 13.26 -4.09
C ILE A 232 17.96 13.22 -2.57
N ASP A 233 17.09 13.90 -1.87
CA ASP A 233 17.09 13.90 -0.42
C ASP A 233 16.88 12.48 0.13
N GLN A 234 15.99 11.75 -0.52
CA GLN A 234 15.59 10.38 -0.14
CA GLN A 234 15.65 10.45 0.00
C GLN A 234 16.83 9.50 -0.12
N TRP A 235 17.54 9.52 -1.24
CA TRP A 235 18.76 8.73 -1.36
C TRP A 235 19.78 9.09 -0.28
N ASN A 236 19.97 10.40 -0.01
CA ASN A 236 20.88 10.80 1.06
C ASN A 236 20.51 10.20 2.40
N LYS A 237 19.21 10.20 2.71
CA LYS A 237 18.75 9.67 3.98
C LYS A 237 18.98 8.16 4.11
N VAL A 238 18.81 7.48 3.01
CA VAL A 238 19.04 6.04 2.96
C VAL A 238 20.52 5.75 3.24
N ILE A 239 21.41 6.42 2.49
CA ILE A 239 22.82 6.09 2.63
C ILE A 239 23.43 6.58 3.95
N GLU A 240 22.87 7.65 4.49
CA GLU A 240 23.33 8.16 5.82
C GLU A 240 23.15 7.08 6.90
N GLN A 241 22.01 6.37 6.84
CA GLN A 241 21.68 5.36 7.85
CA GLN A 241 21.69 5.37 7.85
C GLN A 241 22.28 4.01 7.55
N LEU A 242 22.19 3.57 6.30
CA LEU A 242 22.55 2.21 5.96
C LEU A 242 23.95 2.06 5.46
N GLY A 243 24.52 3.18 5.00
CA GLY A 243 25.87 3.18 4.43
C GLY A 243 25.86 3.20 2.91
N THR A 244 26.87 3.84 2.32
CA THR A 244 27.06 3.78 0.88
C THR A 244 27.13 2.31 0.40
N PRO A 245 26.38 1.95 -0.66
CA PRO A 245 26.41 0.57 -1.07
C PRO A 245 27.74 0.16 -1.69
N CYS A 246 27.92 -1.14 -1.80
CA CYS A 246 29.14 -1.79 -2.26
CA CYS A 246 29.21 -1.62 -2.21
C CYS A 246 29.38 -1.52 -3.75
N PRO A 247 30.63 -1.67 -4.22
CA PRO A 247 30.92 -1.50 -5.67
C PRO A 247 30.13 -2.44 -6.59
N GLU A 248 29.83 -3.65 -6.10
CA GLU A 248 29.04 -4.62 -6.86
C GLU A 248 27.66 -4.05 -7.19
N PHE A 249 27.08 -3.29 -6.26
CA PHE A 249 25.85 -2.58 -6.55
C PHE A 249 26.09 -1.42 -7.56
N MET A 250 27.10 -0.61 -7.32
CA MET A 250 27.31 0.59 -8.12
C MET A 250 27.44 0.24 -9.61
N LYS A 251 28.09 -0.91 -9.84
CA LYS A 251 28.32 -1.45 -11.20
C LYS A 251 27.03 -1.76 -11.95
N LYS A 252 25.93 -2.00 -11.21
CA LYS A 252 24.64 -2.28 -11.81
CA LYS A 252 24.64 -2.27 -11.82
C LYS A 252 23.93 -1.01 -12.31
N LEU A 253 24.49 0.16 -12.05
CA LEU A 253 23.81 1.40 -12.39
C LEU A 253 24.26 1.91 -13.77
N GLN A 254 23.34 2.47 -14.55
CA GLN A 254 23.73 3.14 -15.77
C GLN A 254 24.65 4.36 -15.51
N PRO A 255 25.58 4.69 -16.43
CA PRO A 255 26.55 5.74 -16.14
C PRO A 255 26.00 7.04 -15.61
N THR A 256 24.87 7.50 -16.12
CA THR A 256 24.38 8.79 -15.69
C THR A 256 24.06 8.69 -14.20
N VAL A 257 23.50 7.55 -13.79
CA VAL A 257 23.12 7.37 -12.39
C VAL A 257 24.32 6.98 -11.55
N ARG A 258 25.19 6.12 -12.09
CA ARG A 258 26.38 5.71 -11.36
C ARG A 258 27.29 6.84 -11.02
N THR A 259 27.58 7.73 -12.00
CA THR A 259 28.38 8.93 -11.72
CA THR A 259 28.37 8.91 -11.75
C THR A 259 27.78 9.70 -10.58
N TYR A 260 26.44 9.85 -10.57
CA TYR A 260 25.75 10.54 -9.50
C TYR A 260 25.94 9.77 -8.16
N VAL A 261 25.61 8.48 -8.13
CA VAL A 261 25.67 7.72 -6.87
C VAL A 261 27.10 7.62 -6.35
N GLU A 262 28.06 7.41 -7.24
CA GLU A 262 29.47 7.28 -6.81
C GLU A 262 30.08 8.56 -6.34
N ASN A 263 29.52 9.68 -6.76
CA ASN A 263 30.08 10.94 -6.43
C ASN A 263 29.45 11.66 -5.22
N ARG A 264 28.45 11.04 -4.62
CA ARG A 264 27.93 11.52 -3.34
C ARG A 264 28.97 11.27 -2.26
N PRO A 265 29.02 12.13 -1.22
CA PRO A 265 29.83 11.80 -0.07
C PRO A 265 29.57 10.38 0.39
N LYS A 266 30.59 9.78 0.98
CA LYS A 266 30.53 8.38 1.44
C LYS A 266 30.15 8.31 2.91
N TYR A 267 29.34 7.30 3.24
CA TYR A 267 28.84 7.09 4.59
C TYR A 267 29.09 5.68 4.99
N ALA A 268 29.55 5.51 6.24
CA ALA A 268 29.72 4.17 6.80
C ALA A 268 28.40 3.53 7.15
N GLY A 269 27.39 4.33 7.45
CA GLY A 269 26.16 3.77 7.96
C GLY A 269 26.33 3.32 9.42
N TYR A 270 25.25 2.75 9.92
CA TYR A 270 25.14 2.26 11.29
C TYR A 270 24.78 0.81 11.32
N SER A 271 25.24 0.08 12.31
CA SER A 271 24.78 -1.28 12.51
C SER A 271 23.30 -1.30 12.82
N PHE A 272 22.64 -2.43 12.54
CA PHE A 272 21.27 -2.55 12.96
C PHE A 272 21.04 -2.54 14.46
N GLU A 273 22.06 -2.89 15.24
CA GLU A 273 22.00 -2.79 16.68
CA GLU A 273 21.99 -2.77 16.70
C GLU A 273 21.90 -1.31 17.13
N LYS A 274 22.59 -0.44 16.40
CA LYS A 274 22.54 1.00 16.68
C LYS A 274 21.34 1.69 16.10
N LEU A 275 20.91 1.25 14.92
CA LEU A 275 19.68 1.79 14.37
C LEU A 275 18.44 1.42 15.18
N PHE A 276 18.40 0.17 15.67
CA PHE A 276 17.24 -0.38 16.34
C PHE A 276 17.69 -1.06 17.63
N PRO A 277 18.06 -0.22 18.62
CA PRO A 277 18.51 -0.84 19.87
C PRO A 277 17.43 -1.52 20.67
N ASP A 278 17.91 -2.29 21.68
CA ASP A 278 16.99 -3.11 22.48
C ASP A 278 15.96 -2.23 23.13
N VAL A 279 16.31 -0.98 23.51
CA VAL A 279 15.32 -0.10 24.14
C VAL A 279 14.07 0.21 23.36
N LEU A 280 14.12 -0.04 22.03
CA LEU A 280 12.97 0.17 21.20
C LEU A 280 12.04 -1.01 21.14
N PHE A 281 12.43 -2.14 21.73
CA PHE A 281 11.62 -3.34 21.71
C PHE A 281 11.29 -3.81 23.12
N PRO A 282 10.20 -4.59 23.29
CA PRO A 282 10.06 -5.36 24.52
C PRO A 282 11.31 -6.24 24.69
N ALA A 283 11.97 -6.16 25.84
CA ALA A 283 13.25 -6.88 25.98
C ALA A 283 13.57 -7.12 27.43
N ASP A 284 12.52 -7.37 28.21
CA ASP A 284 12.69 -7.66 29.61
C ASP A 284 12.87 -9.16 29.87
N SER A 285 11.88 -9.93 29.50
CA SER A 285 11.88 -11.36 29.68
C SER A 285 12.84 -11.99 28.66
N GLU A 286 13.21 -13.25 28.92
CA GLU A 286 14.02 -13.98 27.93
C GLU A 286 13.27 -14.12 26.60
N HIS A 287 11.95 -14.38 26.66
CA HIS A 287 11.14 -14.46 25.46
C HIS A 287 11.26 -13.16 24.67
N ASN A 288 11.09 -12.03 25.34
CA ASN A 288 11.11 -10.76 24.62
C ASN A 288 12.49 -10.42 24.07
N LYS A 289 13.54 -10.77 24.81
CA LYS A 289 14.91 -10.60 24.32
C LYS A 289 15.17 -11.35 23.04
N LEU A 290 14.71 -12.58 23.00
CA LEU A 290 14.94 -13.40 21.84
C LEU A 290 14.13 -12.80 20.67
N LYS A 291 12.90 -12.40 20.95
CA LYS A 291 12.11 -11.79 19.87
C LYS A 291 12.67 -10.50 19.38
N ALA A 292 13.28 -9.68 20.23
CA ALA A 292 13.92 -8.46 19.78
C ALA A 292 15.07 -8.79 18.80
N SER A 293 15.88 -9.78 19.14
CA SER A 293 16.99 -10.24 18.28
C SER A 293 16.46 -10.69 16.92
N GLN A 294 15.37 -11.45 16.94
CA GLN A 294 14.78 -11.92 15.69
C GLN A 294 14.21 -10.78 14.87
N ALA A 295 13.56 -9.84 15.52
CA ALA A 295 13.01 -8.68 14.81
C ALA A 295 14.08 -7.86 14.12
N ARG A 296 15.18 -7.61 14.84
CA ARG A 296 16.29 -6.88 14.28
C ARG A 296 16.88 -7.63 13.07
N ASP A 297 17.00 -8.96 13.16
CA ASP A 297 17.53 -9.75 12.08
C ASP A 297 16.65 -9.59 10.82
N LEU A 298 15.33 -9.65 11.03
CA LEU A 298 14.38 -9.49 9.90
C LEU A 298 14.57 -8.10 9.30
N LEU A 299 14.63 -7.06 10.14
CA LEU A 299 14.82 -5.70 9.62
C LEU A 299 16.08 -5.61 8.81
N SER A 300 17.13 -6.24 9.27
CA SER A 300 18.46 -6.17 8.60
C SER A 300 18.46 -6.84 7.25
N LYS A 301 17.46 -7.71 7.00
CA LYS A 301 17.33 -8.41 5.76
C LYS A 301 16.37 -7.74 4.76
N MET A 302 15.47 -6.91 5.28
CA MET A 302 14.56 -6.10 4.48
C MET A 302 15.18 -4.83 4.01
N LEU A 303 15.90 -4.16 4.90
CA LEU A 303 16.50 -2.82 4.64
C LEU A 303 17.89 -3.03 4.04
N VAL A 304 17.91 -3.60 2.86
CA VAL A 304 19.11 -3.93 2.11
C VAL A 304 19.00 -3.19 0.79
N ILE A 305 19.96 -2.33 0.49
CA ILE A 305 19.89 -1.50 -0.71
C ILE A 305 19.89 -2.32 -1.99
N ASP A 306 20.83 -3.28 -2.08
CA ASP A 306 20.93 -4.11 -3.26
C ASP A 306 19.88 -5.22 -3.25
N ALA A 307 18.91 -5.12 -4.14
CA ALA A 307 17.78 -6.03 -4.14
C ALA A 307 18.18 -7.46 -4.35
N SER A 308 19.31 -7.67 -5.02
CA SER A 308 19.76 -9.06 -5.18
C SER A 308 20.07 -9.75 -3.87
N LYS A 309 20.37 -8.97 -2.83
CA LYS A 309 20.71 -9.48 -1.51
C LYS A 309 19.60 -9.33 -0.46
N ARG A 310 18.49 -8.74 -0.87
CA ARG A 310 17.38 -8.49 0.04
C ARG A 310 16.44 -9.69 0.12
N ILE A 311 15.88 -9.88 1.31
CA ILE A 311 14.95 -10.96 1.60
C ILE A 311 13.79 -10.99 0.61
N SER A 312 13.34 -12.20 0.29
CA SER A 312 12.11 -12.41 -0.50
C SER A 312 10.89 -12.50 0.39
N VAL A 313 9.70 -12.41 -0.19
CA VAL A 313 8.47 -12.56 0.62
CA VAL A 313 8.49 -12.52 0.61
C VAL A 313 8.40 -13.91 1.30
N ASP A 314 8.79 -14.96 0.60
CA ASP A 314 8.73 -16.32 1.14
C ASP A 314 9.78 -16.54 2.23
N GLU A 315 10.97 -15.98 2.06
CA GLU A 315 11.93 -16.04 3.16
C GLU A 315 11.45 -15.26 4.38
N ALA A 316 10.78 -14.12 4.17
CA ALA A 316 10.25 -13.34 5.29
C ALA A 316 9.13 -14.09 6.01
N LEU A 317 8.22 -14.70 5.24
CA LEU A 317 7.17 -15.51 5.85
C LEU A 317 7.67 -16.64 6.68
N GLN A 318 8.82 -17.20 6.31
CA GLN A 318 9.42 -18.31 6.99
C GLN A 318 10.41 -17.91 8.09
N HIS A 319 10.66 -16.60 8.26
CA HIS A 319 11.63 -16.11 9.19
C HIS A 319 11.14 -16.44 10.65
N PRO A 320 12.06 -16.67 11.57
CA PRO A 320 11.65 -16.96 12.93
C PRO A 320 10.74 -15.95 13.59
N TYR A 321 10.87 -14.68 13.25
CA TYR A 321 10.02 -13.65 13.89
C TYR A 321 8.57 -13.77 13.45
N ILE A 322 8.38 -14.28 12.23
CA ILE A 322 7.09 -14.29 11.53
C ILE A 322 6.41 -15.67 11.56
N ASN A 323 7.19 -16.76 11.46
CA ASN A 323 6.64 -18.00 11.06
C ASN A 323 5.73 -18.67 12.09
N VAL A 324 5.67 -18.13 13.32
CA VAL A 324 4.75 -18.63 14.34
C VAL A 324 3.29 -18.47 13.87
N TRP A 325 3.03 -17.58 12.95
CA TRP A 325 1.71 -17.35 12.43
C TRP A 325 1.38 -18.11 11.17
N TYR A 326 2.37 -18.79 10.59
CA TYR A 326 2.24 -19.27 9.21
C TYR A 326 1.05 -20.22 9.03
N ASP A 327 0.17 -19.89 8.08
CA ASP A 327 -0.98 -20.75 7.75
C ASP A 327 -1.10 -20.80 6.23
N PRO A 328 -0.91 -21.97 5.59
CA PRO A 328 -0.90 -21.98 4.13
C PRO A 328 -2.22 -21.54 3.48
N SER A 329 -3.33 -21.54 4.22
CA SER A 329 -4.57 -21.01 3.63
C SER A 329 -4.48 -19.49 3.41
N GLU A 330 -3.62 -18.84 4.19
CA GLU A 330 -3.36 -17.39 4.08
C GLU A 330 -2.16 -17.06 3.22
N ALA A 331 -1.13 -17.86 3.37
CA ALA A 331 0.18 -17.64 2.74
C ALA A 331 0.40 -18.37 1.39
N GLU A 332 -0.47 -19.34 1.07
CA GLU A 332 -0.36 -20.14 -0.14
C GLU A 332 -1.75 -20.28 -0.75
N ALA A 333 -2.50 -19.17 -0.77
CA ALA A 333 -3.86 -19.20 -1.32
C ALA A 333 -3.83 -19.24 -2.85
N PRO A 334 -4.87 -19.86 -3.44
CA PRO A 334 -4.95 -19.89 -4.88
C PRO A 334 -4.85 -18.48 -5.46
N PRO A 335 -4.01 -18.30 -6.46
CA PRO A 335 -3.85 -16.98 -7.01
C PRO A 335 -5.14 -16.39 -7.58
N PRO A 336 -5.26 -15.06 -7.52
CA PRO A 336 -6.32 -14.37 -8.24
C PRO A 336 -6.24 -14.68 -9.72
N LYS A 337 -7.39 -14.76 -10.38
CA LYS A 337 -7.46 -14.87 -11.84
C LYS A 337 -7.94 -13.55 -12.43
N ILE A 338 -7.02 -12.80 -13.04
CA ILE A 338 -7.34 -11.48 -13.58
C ILE A 338 -7.87 -11.60 -15.01
N PRO A 339 -9.10 -11.10 -15.27
CA PRO A 339 -9.75 -11.30 -16.58
C PRO A 339 -9.24 -10.40 -17.68
N ASP A 340 -8.69 -9.24 -17.34
CA ASP A 340 -8.20 -8.30 -18.35
C ASP A 340 -6.71 -8.52 -18.53
N LYS A 341 -6.38 -9.12 -19.65
CA LYS A 341 -5.06 -9.57 -19.89
C LYS A 341 -4.19 -8.37 -20.29
N GLN A 342 -4.80 -7.23 -20.60
CA GLN A 342 -4.02 -5.99 -20.88
C GLN A 342 -4.08 -4.95 -19.76
N LEU A 343 -4.40 -5.43 -18.57
CA LEU A 343 -4.76 -4.56 -17.45
C LEU A 343 -3.75 -3.44 -17.25
N ASP A 344 -2.47 -3.81 -17.16
CA ASP A 344 -1.38 -2.84 -16.93
C ASP A 344 -0.86 -2.11 -18.20
N GLU A 345 -1.34 -2.46 -19.42
CA GLU A 345 -0.74 -1.91 -20.62
C GLU A 345 -1.63 -0.98 -21.45
N ARG A 346 -2.95 -1.02 -21.21
CA ARG A 346 -3.94 -0.13 -21.87
C ARG A 346 -3.57 1.34 -21.99
N GLU A 347 -3.66 1.88 -23.20
CA GLU A 347 -3.63 3.33 -23.45
C GLU A 347 -4.95 3.77 -24.07
N HIS A 348 -5.60 4.75 -23.45
CA HIS A 348 -6.90 5.20 -23.93
C HIS A 348 -7.06 6.72 -23.86
N THR A 349 -7.95 7.24 -24.69
CA THR A 349 -8.44 8.62 -24.57
C THR A 349 -9.33 8.78 -23.33
N ILE A 350 -9.67 10.02 -22.98
CA ILE A 350 -10.57 10.31 -21.85
C ILE A 350 -11.89 9.61 -22.11
N GLU A 351 -12.41 9.75 -23.33
CA GLU A 351 -13.71 9.19 -23.64
C GLU A 351 -13.66 7.69 -23.63
N GLU A 352 -12.57 7.12 -24.11
CA GLU A 352 -12.40 5.66 -24.02
C GLU A 352 -12.35 5.13 -22.56
N TRP A 353 -11.58 5.79 -21.72
CA TRP A 353 -11.52 5.41 -20.30
C TRP A 353 -12.88 5.56 -19.65
N LYS A 354 -13.62 6.60 -20.02
CA LYS A 354 -14.96 6.77 -19.48
C LYS A 354 -15.83 5.54 -19.73
N GLU A 355 -15.84 5.02 -20.96
CA GLU A 355 -16.69 3.86 -21.33
CA GLU A 355 -16.71 3.88 -21.29
C GLU A 355 -16.23 2.56 -20.63
N LEU A 356 -14.92 2.36 -20.58
CA LEU A 356 -14.36 1.19 -19.91
C LEU A 356 -14.75 1.17 -18.44
N ILE A 357 -14.59 2.29 -17.76
CA ILE A 357 -14.95 2.33 -16.34
C ILE A 357 -16.49 2.13 -16.15
N TYR A 358 -17.28 2.82 -16.95
CA TYR A 358 -18.74 2.66 -16.85
C TYR A 358 -19.18 1.20 -16.96
N LYS A 359 -18.62 0.52 -17.93
CA LYS A 359 -18.90 -0.88 -18.14
C LYS A 359 -18.49 -1.77 -16.96
N GLU A 360 -17.34 -1.49 -16.33
CA GLU A 360 -16.95 -2.21 -15.12
C GLU A 360 -17.97 -2.03 -14.02
N VAL A 361 -18.40 -0.78 -13.83
CA VAL A 361 -19.28 -0.43 -12.79
C VAL A 361 -20.63 -1.14 -12.96
N MET A 362 -21.16 -1.13 -14.18
CA MET A 362 -22.47 -1.72 -14.47
C MET A 362 -22.36 -3.25 -14.67
N ASP A 363 -21.14 -3.73 -14.87
CA ASP A 363 -20.86 -5.11 -15.28
C ASP A 363 -21.40 -5.33 -16.70
N LEU A 364 -20.75 -4.68 -17.70
CA LEU A 364 -21.27 -4.65 -19.07
C LEU A 364 -20.16 -4.83 -20.13
C1 EDO B . 6.15 10.30 11.73
O1 EDO B . 5.92 8.92 12.14
C2 EDO B . 7.40 10.90 12.39
O2 EDO B . 8.61 10.93 11.58
C1 EDO C . 15.70 4.44 13.31
O1 EDO C . 15.98 4.72 14.68
C2 EDO C . 16.93 4.80 12.55
O2 EDO C . 17.05 6.23 12.61
C1 EDO D . 25.31 -3.50 -0.47
O1 EDO D . 25.43 -2.90 -1.69
C2 EDO D . 24.11 -2.90 0.15
O2 EDO D . 22.97 -3.64 -0.18
C1 EDO E . 13.11 -20.33 1.64
O1 EDO E . 12.69 -21.62 2.09
C2 EDO E . 11.91 -19.62 1.08
O2 EDO E . 11.86 -19.83 -0.33
C1 EDO F . 12.11 -4.35 -14.27
O1 EDO F . 11.91 -3.02 -13.90
C2 EDO F . 10.75 -4.94 -14.28
O2 EDO F . 10.91 -6.21 -14.86
C1 EDO G . -8.18 -15.04 -5.22
O1 EDO G . -8.06 -13.90 -4.38
C2 EDO G . -9.17 -15.98 -4.60
O2 EDO G . -8.60 -16.51 -3.41
C1 EDO H . -7.21 -15.65 2.77
O1 EDO H . -8.39 -15.00 2.90
C2 EDO H . -7.39 -16.92 2.19
O2 EDO H . -7.71 -17.66 3.39
C1 EDO I . 3.12 -2.45 24.54
C1 EDO I . 2.86 -2.43 24.01
O1 EDO I . 2.07 -2.91 25.39
O1 EDO I . 1.89 -3.38 24.38
C2 EDO I . 4.46 -2.66 25.22
C2 EDO I . 4.14 -2.61 24.81
O2 EDO I . 5.39 -3.22 24.29
O2 EDO I . 4.39 -1.40 25.54
C1 EDO J . 8.43 -1.25 23.75
C1 EDO J . 8.44 -1.28 23.31
O1 EDO J . 9.68 -0.56 23.82
O1 EDO J . 8.28 -1.72 24.67
C2 EDO J . 7.89 -1.09 22.32
C2 EDO J . 7.26 -1.83 22.53
O2 EDO J . 6.88 -2.09 22.07
O2 EDO J . 7.33 -1.49 21.14
C1 EDO K . 21.90 7.03 15.01
O1 EDO K . 21.54 5.72 14.55
C2 EDO K . 22.44 6.90 16.39
O2 EDO K . 23.51 5.96 16.37
C1 EDO L . 17.51 -14.54 14.31
O1 EDO L . 17.08 -15.91 14.51
C2 EDO L . 18.22 -13.86 15.46
O2 EDO L . 18.22 -14.57 16.72
C1 EDO M . -22.35 5.11 10.62
O1 EDO M . -22.52 4.32 11.78
C2 EDO M . -20.90 5.29 10.29
O2 EDO M . -20.67 6.69 10.17
C1 EDO N . -21.88 -2.60 13.30
O1 EDO N . -23.04 -1.67 13.15
C2 EDO N . -20.83 -2.18 12.33
O2 EDO N . -20.32 -3.28 11.58
C1 EDO O . -19.85 -5.20 -6.42
O1 EDO O . -21.27 -5.27 -6.62
C2 EDO O . -19.33 -6.45 -5.72
O2 EDO O . -20.33 -6.98 -4.88
C1 EDO P . 6.91 -12.82 17.54
O1 EDO P . 7.56 -13.79 16.77
C2 EDO P . 5.68 -13.39 18.25
O2 EDO P . 6.08 -14.07 19.43
C1 EDO Q . 1.76 -17.17 19.97
O1 EDO Q . 2.26 -16.00 19.30
C2 EDO Q . 1.02 -18.05 18.97
O2 EDO Q . 1.18 -17.50 17.65
C1 EDO R . -5.25 -19.19 11.51
O1 EDO R . -4.95 -18.64 10.23
C2 EDO R . -4.13 -20.12 11.95
O2 EDO R . -4.74 -21.22 12.62
C1 EDO S . -3.37 -10.88 17.47
O1 EDO S . -2.03 -10.51 17.76
C2 EDO S . -3.51 -12.35 17.85
O2 EDO S . -4.37 -13.02 16.93
C1 EDO T . 15.43 -10.09 -7.00
O1 EDO T . 15.71 -8.73 -6.74
C2 EDO T . 16.70 -10.87 -7.27
O2 EDO T . 16.31 -12.17 -7.63
C1 EDO U . 27.68 -1.55 9.70
O1 EDO U . 27.59 -0.15 9.92
C2 EDO U . 27.45 -1.66 8.23
O2 EDO U . 26.84 -0.42 7.84
C1 EDO V . 24.45 -0.46 -17.15
O1 EDO V . 24.82 -1.74 -16.62
C2 EDO V . 22.95 -0.48 -17.47
O2 EDO V . 22.53 0.78 -18.04
C1 EDO W . 22.03 -2.67 22.26
O1 EDO W . 20.65 -2.40 22.22
C2 EDO W . 22.36 -3.79 21.33
O2 EDO W . 21.35 -3.91 20.32
N1 EPE X . 16.11 -13.73 -3.55
C2 EPE X . 15.84 -13.22 -2.18
C3 EPE X . 17.06 -13.24 -1.32
N4 EPE X . 17.56 -14.60 -1.18
C5 EPE X . 17.78 -15.20 -2.50
C6 EPE X . 16.52 -15.12 -3.35
C7 EPE X . 18.84 -14.48 -0.45
C8 EPE X . 19.11 -15.66 0.49
O8 EPE X . 19.43 -16.86 -0.22
C9 EPE X . 14.78 -13.74 -4.26
C10 EPE X . 14.41 -12.33 -4.78
S EPE X . 12.80 -12.02 -5.29
O1S EPE X . 12.08 -12.16 -4.01
O2S EPE X . 12.65 -10.60 -5.95
O3S EPE X . 12.55 -13.17 -6.25
O1 38Z Y . -8.76 6.27 3.95
C20 38Z Y . -8.69 5.83 2.78
N5 38Z Y . -9.29 4.72 2.33
C21 38Z Y . -10.02 3.77 3.07
C26 38Z Y . -10.10 3.78 4.45
C25 38Z Y . -10.76 2.77 5.11
C27 38Z Y . -11.06 2.42 6.51
C28 38Z Y . -10.67 3.15 7.75
C32 38Z Y . -9.64 4.08 7.74
C31 38Z Y . -9.35 4.77 8.90
N6 38Z Y . -10.02 4.60 10.04
C30 38Z Y . -11.00 3.70 10.04
C29 38Z Y . -11.37 2.97 8.93
N7 38Z Y . -11.76 1.31 6.48
N8 38Z Y . -11.95 0.91 5.22
C24 38Z Y . -11.37 1.75 4.34
C23 38Z Y . -11.32 1.73 2.96
C22 38Z Y . -10.64 2.76 2.34
C19 38Z Y . -8.03 6.58 1.66
C 38Z Y . -6.78 5.85 1.13
C18 38Z Y . -7.59 7.96 2.11
N 38Z Y . -6.19 7.55 2.33
C1 38Z Y . -5.74 6.93 1.10
C2 38Z Y . -5.42 7.40 3.54
C3 38Z Y . -4.31 8.44 3.66
O 38Z Y . -3.49 8.57 2.75
N1 38Z Y . -4.22 9.11 4.82
C7 38Z Y . -5.25 9.09 5.87
C6 38Z Y . -4.66 8.61 7.16
N2 38Z Y . -3.58 9.51 7.57
C5 38Z Y . -2.53 9.58 6.55
C4 38Z Y . -3.10 9.98 5.18
C8 38Z Y . -3.25 9.58 8.91
C13 38Z Y . -4.12 9.09 9.89
C12 38Z Y . -3.78 9.16 11.24
C11 38Z Y . -2.56 9.70 11.64
C10 38Z Y . -1.71 10.20 10.65
C9 38Z Y . -2.04 10.13 9.32
C14 38Z Y . -2.18 9.75 13.07
N4 38Z Y . -3.04 9.22 13.95
C17 38Z Y . -2.65 9.23 15.23
C16 38Z Y . -1.45 9.74 15.65
C15 38Z Y . -0.65 10.27 14.67
N3 38Z Y . -0.99 10.28 13.37
PG ANP Z . -0.69 8.88 -0.07
O1G ANP Z . 0.55 8.67 -0.95
O2G ANP Z . -0.45 9.55 1.27
O3G ANP Z . -1.80 7.78 0.06
PB ANP Z . -3.14 10.18 -1.12
O1B ANP Z . -3.76 9.47 0.16
O2B ANP Z . -3.36 11.64 -1.54
N3B ANP Z . -1.40 10.11 -1.05
PA ANP Z . -4.56 8.00 -2.31
O1A ANP Z . -4.40 7.28 -0.98
O2A ANP Z . -4.29 7.17 -3.56
O3A ANP Z . -3.53 9.26 -2.38
O5' ANP Z . -6.03 8.68 -2.44
MG MG AA . -3.64 7.61 0.77
#